data_2FFC
#
_entry.id   2FFC
#
_cell.length_a   81.817
_cell.length_b   69.588
_cell.length_c   59.338
_cell.angle_alpha   90.00
_cell.angle_beta   90.00
_cell.angle_gamma   90.00
#
_symmetry.space_group_name_H-M   'P 21 21 2'
#
loop_
_entity.id
_entity.type
_entity.pdbx_description
1 polymer 'orotidine 5-monophosphate decarboxylase'
2 non-polymer "URIDINE-5'-MONOPHOSPHATE"
3 water water
#
_entity_poly.entity_id   1
_entity_poly.type   'polypeptide(L)'
_entity_poly.pdbx_seq_one_letter_code
;MGSSHHHHHHSSGLVPRGSNLKIKLQKRRDEVNTCLCIGLDPDEADIKSFMQSEKQNGYQSVKKNLSNSGSSSSSSNSSS
GKGELFAPQMGGQMLLAETPPKEAQEKDEFFYFFNHFCFYIINETKEYALAYKMNFAFYLPYGSLGVDVLKNVFDYLHHL
NVPTILDIKMNDIGNTVKHYRKFIFDYLRSDSCTANIYMGTQMLRDICLDEECKRYYSTFVLVKTTNADSHIFQNRLSLD
GKEAYVVIAEEVQKMAKQLHLEENGEFVGFVVGANCYDEIKKIRELFPDCYILAPGVGAQKGDLRKMLCNGYSKNYEKVL
INVGRAITKSGSPQQAAREYHQQIKEVLAELQE
;
_entity_poly.pdbx_strand_id   A
#
# COMPACT_ATOMS: atom_id res chain seq x y z
N ASN A 20 -12.86 6.99 -9.76
CA ASN A 20 -13.25 5.78 -8.93
C ASN A 20 -12.36 4.52 -9.00
N LEU A 21 -12.07 3.97 -7.83
CA LEU A 21 -10.97 3.04 -7.68
C LEU A 21 -11.17 1.69 -8.35
N LYS A 22 -12.40 1.20 -8.37
CA LYS A 22 -12.63 -0.13 -8.91
C LYS A 22 -12.23 -0.19 -10.42
N ILE A 23 -12.64 0.83 -11.17
CA ILE A 23 -12.25 0.96 -12.59
C ILE A 23 -10.74 1.21 -12.73
N LYS A 24 -10.19 2.06 -11.86
CA LYS A 24 -8.77 2.34 -11.90
C LYS A 24 -7.94 1.05 -11.71
N LEU A 25 -8.32 0.23 -10.73
CA LEU A 25 -7.61 -1.04 -10.50
C LEU A 25 -7.81 -2.00 -11.68
N GLN A 26 -9.03 -2.04 -12.22
CA GLN A 26 -9.25 -2.93 -13.36
C GLN A 26 -8.40 -2.52 -14.55
N LYS A 27 -8.41 -1.23 -14.91
CA LYS A 27 -7.54 -0.70 -15.97
C LYS A 27 -6.05 -0.96 -15.80
N ARG A 28 -5.56 -0.71 -14.57
CA ARG A 28 -4.17 -0.94 -14.26
C ARG A 28 -3.82 -2.44 -14.37
N ARG A 29 -4.71 -3.29 -13.87
CA ARG A 29 -4.51 -4.74 -13.89
C ARG A 29 -4.28 -5.20 -15.35
N ASP A 30 -5.11 -4.69 -16.24
CA ASP A 30 -4.96 -5.05 -17.67
C ASP A 30 -3.68 -4.50 -18.30
N GLU A 31 -3.18 -3.41 -17.78
CA GLU A 31 -1.96 -2.80 -18.26
C GLU A 31 -0.69 -3.54 -17.84
N VAL A 32 -0.63 -4.00 -16.58
CA VAL A 32 0.60 -4.60 -16.05
C VAL A 32 0.49 -6.11 -15.89
N ASN A 33 -0.74 -6.62 -16.04
CA ASN A 33 -1.06 -8.04 -15.97
C ASN A 33 -0.55 -8.70 -14.69
N THR A 34 -0.87 -8.11 -13.52
CA THR A 34 -0.35 -8.67 -12.26
C THR A 34 -1.23 -8.13 -11.15
N CYS A 35 -1.05 -8.73 -9.97
CA CYS A 35 -1.67 -8.17 -8.79
C CYS A 35 -0.60 -7.83 -7.76
N LEU A 36 0.65 -7.70 -8.20
CA LEU A 36 1.74 -7.35 -7.31
C LEU A 36 1.55 -5.91 -6.83
N CYS A 37 1.63 -5.74 -5.52
CA CYS A 37 1.58 -4.45 -4.86
C CYS A 37 2.96 -4.22 -4.23
N ILE A 38 3.65 -3.18 -4.64
CA ILE A 38 5.02 -2.96 -4.10
C ILE A 38 4.93 -2.18 -2.79
N GLY A 39 5.49 -2.74 -1.71
CA GLY A 39 5.54 -2.00 -0.43
C GLY A 39 6.74 -1.10 -0.38
N LEU A 40 6.54 0.18 -0.06
CA LEU A 40 7.65 1.12 0.03
C LEU A 40 7.77 1.64 1.46
N ASP A 41 8.56 0.91 2.23
CA ASP A 41 8.73 1.13 3.66
C ASP A 41 10.18 1.40 3.96
N PRO A 42 10.71 2.56 3.55
CA PRO A 42 12.19 2.68 3.71
C PRO A 42 12.68 2.88 5.13
N ASP A 43 13.68 2.11 5.54
CA ASP A 43 14.25 2.35 6.85
C ASP A 43 15.59 3.12 6.81
N GLU A 44 16.13 3.46 7.97
CA GLU A 44 17.29 4.33 7.97
C GLU A 44 18.47 3.68 7.21
N ALA A 45 18.65 2.38 7.41
CA ALA A 45 19.69 1.60 6.72
C ALA A 45 19.50 1.62 5.20
N ASP A 46 18.26 1.52 4.73
CA ASP A 46 17.97 1.60 3.30
C ASP A 46 18.46 2.93 2.72
N ILE A 47 18.07 4.01 3.39
CA ILE A 47 18.38 5.36 2.94
C ILE A 47 19.90 5.59 2.96
N LYS A 48 20.54 5.26 4.10
CA LYS A 48 22.00 5.44 4.28
C LYS A 48 22.78 4.62 3.27
N SER A 49 22.33 3.39 3.03
CA SER A 49 22.97 2.51 2.07
C SER A 49 22.88 3.04 0.63
N PHE A 50 21.69 3.51 0.25
CA PHE A 50 21.47 4.10 -1.06
C PHE A 50 22.33 5.35 -1.22
N MET A 51 22.39 6.17 -0.18
CA MET A 51 23.28 7.34 -0.16
C MET A 51 24.75 6.96 -0.40
N GLN A 52 25.22 5.94 0.32
CA GLN A 52 26.60 5.44 0.17
C GLN A 52 26.87 5.03 -1.26
N SER A 53 26.02 4.15 -1.80
CA SER A 53 26.25 3.62 -3.13
C SER A 53 26.13 4.67 -4.22
N GLU A 54 25.27 5.67 -4.01
CA GLU A 54 25.14 6.76 -4.98
C GLU A 54 26.37 7.68 -5.01
N LYS A 55 26.91 7.97 -3.83
CA LYS A 55 28.13 8.73 -3.70
C LYS A 55 29.30 8.03 -4.42
N GLN A 56 29.32 6.71 -4.38
CA GLN A 56 30.40 5.91 -5.00
C GLN A 56 30.24 5.68 -6.49
N ASN A 57 29.01 5.55 -6.96
CA ASN A 57 28.76 5.30 -8.37
C ASN A 57 28.54 6.58 -9.13
N GLY A 58 28.69 7.69 -8.42
CA GLY A 58 28.49 9.02 -8.98
C GLY A 58 27.04 9.39 -9.27
N TYR A 59 26.12 9.02 -8.37
CA TYR A 59 24.69 9.41 -8.48
C TYR A 59 23.96 8.88 -9.73
N GLN A 60 24.24 7.62 -10.07
CA GLN A 60 23.60 6.96 -11.21
C GLN A 60 22.07 6.83 -11.09
N SER A 61 21.59 6.49 -9.89
CA SER A 61 20.16 6.25 -9.72
C SER A 61 19.39 7.59 -9.70
N VAL A 62 19.96 8.61 -9.06
CA VAL A 62 19.31 9.94 -9.14
C VAL A 62 19.25 10.49 -10.56
N LYS A 63 20.31 10.30 -11.35
CA LYS A 63 20.27 10.71 -12.74
C LYS A 63 19.09 10.08 -13.51
N LYS A 64 18.90 8.77 -13.34
CA LYS A 64 17.73 8.07 -13.87
C LYS A 64 16.42 8.65 -13.33
N ASN A 65 16.38 8.93 -12.03
CA ASN A 65 15.18 9.56 -11.45
C ASN A 65 14.80 10.86 -12.16
N LEU A 66 15.83 11.65 -12.49
CA LEU A 66 15.65 12.96 -13.12
C LEU A 66 15.24 12.92 -14.58
N SER A 67 15.57 11.84 -15.28
CA SER A 67 15.25 11.72 -16.70
C SER A 67 14.05 10.83 -16.94
N ASN A 68 13.82 9.90 -16.01
CA ASN A 68 12.83 8.86 -16.24
C ASN A 68 11.50 9.05 -15.51
N SER A 69 11.21 10.30 -15.13
CA SER A 69 10.04 10.59 -14.31
C SER A 69 8.77 11.00 -15.10
N GLY A 70 8.77 10.75 -16.41
CA GLY A 70 7.63 11.10 -17.24
C GLY A 70 6.33 10.38 -16.88
N GLU A 84 6.19 16.85 -19.14
CA GLU A 84 5.64 15.65 -18.52
C GLU A 84 6.54 15.02 -17.44
N LEU A 85 7.79 15.47 -17.32
CA LEU A 85 8.62 15.10 -16.16
C LEU A 85 8.01 15.61 -14.84
N PHE A 86 8.28 14.90 -13.75
CA PHE A 86 7.67 15.21 -12.46
C PHE A 86 8.40 16.38 -11.80
N ALA A 87 7.61 17.29 -11.20
CA ALA A 87 8.17 18.37 -10.40
C ALA A 87 7.69 18.24 -8.95
N PRO A 88 8.56 17.71 -8.05
CA PRO A 88 8.23 17.61 -6.62
C PRO A 88 7.84 18.97 -6.06
N GLN A 89 6.79 19.01 -5.24
CA GLN A 89 6.36 20.27 -4.62
C GLN A 89 7.13 20.60 -3.35
N MET A 90 7.64 19.57 -2.67
CA MET A 90 8.33 19.79 -1.41
C MET A 90 9.82 19.65 -1.66
N GLY A 91 10.54 20.78 -1.67
CA GLY A 91 12.00 20.77 -1.88
C GLY A 91 12.35 20.44 -3.32
N GLY A 92 11.44 20.77 -4.24
CA GLY A 92 11.58 20.43 -5.65
C GLY A 92 12.91 20.89 -6.27
N GLN A 93 13.27 22.17 -6.08
CA GLN A 93 14.53 22.69 -6.65
C GLN A 93 15.75 21.84 -6.19
N MET A 94 15.84 21.56 -4.90
CA MET A 94 16.99 20.81 -4.41
C MET A 94 17.01 19.34 -4.89
N LEU A 95 15.81 18.74 -4.98
CA LEU A 95 15.69 17.38 -5.45
C LEU A 95 16.01 17.24 -6.92
N LEU A 96 15.66 18.28 -7.71
CA LEU A 96 15.87 18.29 -9.16
C LEU A 96 17.29 18.72 -9.57
N ALA A 97 18.09 19.18 -8.60
CA ALA A 97 19.51 19.38 -8.83
C ALA A 97 20.24 18.02 -9.01
N THR A 99 23.52 19.09 -8.89
CA THR A 99 24.26 18.47 -7.79
C THR A 99 23.48 18.33 -6.45
N PRO A 100 23.66 17.19 -5.74
CA PRO A 100 23.22 16.88 -4.35
C PRO A 100 23.66 17.89 -3.28
N PRO A 101 22.94 17.96 -2.15
CA PRO A 101 23.39 18.79 -1.01
C PRO A 101 24.73 18.34 -0.45
N LYS A 102 25.46 19.27 0.17
CA LYS A 102 26.75 18.96 0.78
C LYS A 102 26.59 18.19 2.07
N GLU A 103 27.57 17.36 2.41
CA GLU A 103 27.51 16.53 3.61
C GLU A 103 27.37 17.35 4.89
N ALA A 104 27.85 18.60 4.87
CA ALA A 104 27.70 19.51 6.00
C ALA A 104 26.22 19.81 6.31
N GLN A 105 25.38 19.80 5.27
CA GLN A 105 23.93 19.98 5.43
C GLN A 105 23.26 18.62 5.64
N GLU A 106 23.39 18.09 6.85
CA GLU A 106 23.05 16.68 7.13
C GLU A 106 21.56 16.39 6.93
N LYS A 107 20.70 17.29 7.41
CA LYS A 107 19.26 17.19 7.19
C LYS A 107 18.87 17.25 5.71
N ASP A 108 19.37 18.25 4.96
CA ASP A 108 19.02 18.36 3.53
C ASP A 108 19.49 17.14 2.74
N GLU A 109 20.68 16.66 3.09
CA GLU A 109 21.28 15.50 2.43
C GLU A 109 20.37 14.28 2.66
N PHE A 110 20.00 14.09 3.92
CA PHE A 110 19.13 12.98 4.28
C PHE A 110 17.80 13.06 3.53
N PHE A 111 17.16 14.23 3.50
CA PHE A 111 15.92 14.43 2.71
C PHE A 111 16.12 14.09 1.23
N TYR A 112 17.23 14.58 0.65
CA TYR A 112 17.53 14.35 -0.77
C TYR A 112 17.60 12.84 -1.06
N PHE A 113 18.34 12.12 -0.26
CA PHE A 113 18.53 10.67 -0.46
C PHE A 113 17.34 9.82 -0.07
N PHE A 114 16.55 10.29 0.89
CA PHE A 114 15.26 9.64 1.20
C PHE A 114 14.32 9.75 -0.01
N ASN A 115 14.10 10.96 -0.52
CA ASN A 115 13.23 11.12 -1.69
C ASN A 115 13.74 10.30 -2.86
N HIS A 116 15.06 10.38 -3.13
CA HIS A 116 15.57 9.71 -4.35
C HIS A 116 15.59 8.17 -4.22
N PHE A 117 15.74 7.68 -3.00
CA PHE A 117 15.56 6.24 -2.73
C PHE A 117 14.15 5.77 -3.11
N CYS A 118 13.15 6.50 -2.63
CA CYS A 118 11.76 6.22 -2.98
C CYS A 118 11.50 6.29 -4.47
N PHE A 119 12.00 7.34 -5.14
CA PHE A 119 11.78 7.50 -6.58
C PHE A 119 12.49 6.36 -7.33
N TYR A 120 13.64 5.94 -6.84
CA TYR A 120 14.43 4.85 -7.44
C TYR A 120 13.64 3.54 -7.40
N ILE A 121 13.01 3.25 -6.26
CA ILE A 121 12.24 2.00 -6.13
C ILE A 121 11.08 2.08 -7.10
N ILE A 122 10.43 3.23 -7.16
CA ILE A 122 9.28 3.37 -8.03
C ILE A 122 9.70 3.15 -9.49
N ASN A 123 10.72 3.87 -9.89
CA ASN A 123 11.17 3.80 -11.29
C ASN A 123 11.69 2.43 -11.66
N GLU A 124 12.30 1.72 -10.71
CA GLU A 124 12.82 0.38 -10.99
C GLU A 124 11.70 -0.68 -11.11
N THR A 125 10.52 -0.38 -10.53
CA THR A 125 9.49 -1.43 -10.36
C THR A 125 8.12 -1.14 -10.94
N LYS A 126 7.87 0.11 -11.33
CA LYS A 126 6.53 0.53 -11.74
C LYS A 126 5.98 -0.31 -12.91
N GLU A 127 6.84 -0.79 -13.81
CA GLU A 127 6.31 -1.64 -14.91
C GLU A 127 5.64 -2.93 -14.41
N TYR A 128 5.99 -3.32 -13.18
CA TYR A 128 5.51 -4.56 -12.60
C TYR A 128 4.45 -4.42 -11.50
N ALA A 129 4.05 -3.18 -11.20
CA ALA A 129 3.22 -2.88 -10.01
C ALA A 129 1.76 -2.56 -10.35
N LEU A 130 0.83 -3.32 -9.80
CA LEU A 130 -0.58 -2.94 -9.82
C LEU A 130 -0.82 -1.73 -8.89
N ALA A 131 -0.05 -1.68 -7.81
CA ALA A 131 -0.23 -0.60 -6.81
C ALA A 131 1.06 -0.46 -6.00
N TYR A 132 1.16 0.66 -5.24
CA TYR A 132 2.18 0.83 -4.18
C TYR A 132 1.47 1.04 -2.86
N LYS A 133 2.05 0.45 -1.81
CA LYS A 133 1.53 0.66 -0.46
C LYS A 133 2.68 1.25 0.35
N MET A 134 2.44 2.42 0.95
CA MET A 134 3.45 3.11 1.77
C MET A 134 3.01 3.03 3.21
N ASN A 135 3.86 2.47 4.07
CA ASN A 135 3.46 2.37 5.47
C ASN A 135 3.87 3.65 6.19
N PHE A 136 2.87 4.34 6.78
CA PHE A 136 3.04 5.66 7.35
C PHE A 136 4.17 5.71 8.37
N ALA A 137 4.29 4.65 9.16
CA ALA A 137 5.27 4.60 10.29
C ALA A 137 6.71 4.96 9.84
N PHE A 138 7.09 4.47 8.65
CA PHE A 138 8.47 4.69 8.14
C PHE A 138 8.83 6.16 7.84
N TYR A 139 7.78 6.97 7.67
CA TYR A 139 7.92 8.38 7.22
C TYR A 139 7.83 9.34 8.41
N LEU A 140 7.82 8.77 9.61
CA LEU A 140 7.69 9.57 10.86
C LEU A 140 8.90 9.77 11.77
N PRO A 141 9.89 8.87 11.76
CA PRO A 141 10.92 9.00 12.83
C PRO A 141 11.79 10.28 12.78
N TYR A 142 11.72 11.02 11.67
CA TYR A 142 12.60 12.18 11.43
C TYR A 142 11.81 13.47 11.57
N GLY A 143 10.59 13.38 12.11
CA GLY A 143 9.69 14.52 12.15
C GLY A 143 9.13 14.93 10.80
N SER A 144 8.90 16.22 10.59
CA SER A 144 8.18 16.68 9.41
C SER A 144 8.90 16.35 8.10
N LEU A 145 10.22 16.19 8.16
CA LEU A 145 11.06 15.84 6.98
C LEU A 145 10.45 14.66 6.23
N GLY A 146 10.21 13.57 6.94
CA GLY A 146 9.63 12.37 6.32
C GLY A 146 8.21 12.53 5.78
N VAL A 147 7.41 13.44 6.33
CA VAL A 147 6.08 13.69 5.80
C VAL A 147 6.16 14.44 4.45
N ASP A 148 7.17 15.32 4.30
CA ASP A 148 7.41 15.98 3.04
C ASP A 148 7.81 14.94 1.99
N VAL A 149 8.66 14.01 2.38
CA VAL A 149 9.01 12.87 1.50
C VAL A 149 7.76 12.11 1.09
N LEU A 150 6.92 11.77 2.06
CA LEU A 150 5.68 11.03 1.78
C LEU A 150 4.77 11.76 0.81
N LYS A 151 4.58 13.07 1.02
CA LYS A 151 3.89 13.92 0.07
C LYS A 151 4.48 13.81 -1.36
N ASN A 152 5.81 13.89 -1.48
CA ASN A 152 6.44 13.80 -2.80
C ASN A 152 6.24 12.41 -3.45
N VAL A 153 6.29 11.37 -2.62
CA VAL A 153 6.00 10.02 -3.10
C VAL A 153 4.58 9.90 -3.64
N PHE A 154 3.59 10.30 -2.83
CA PHE A 154 2.19 10.23 -3.29
C PHE A 154 1.95 11.12 -4.50
N ASP A 155 2.58 12.29 -4.50
CA ASP A 155 2.42 13.20 -5.64
C ASP A 155 3.02 12.58 -6.92
N TYR A 156 4.16 11.92 -6.79
CA TYR A 156 4.79 11.23 -7.95
C TYR A 156 3.92 10.10 -8.48
N LEU A 157 3.42 9.26 -7.57
CA LEU A 157 2.50 8.20 -7.94
C LEU A 157 1.24 8.76 -8.58
N HIS A 158 0.77 9.91 -8.06
CA HIS A 158 -0.37 10.58 -8.66
C HIS A 158 -0.03 11.05 -10.10
N HIS A 159 1.17 11.59 -10.28
CA HIS A 159 1.70 12.00 -11.60
C HIS A 159 1.70 10.81 -12.58
N LEU A 160 2.14 9.65 -12.08
CA LEU A 160 2.21 8.41 -12.88
C LEU A 160 0.86 7.69 -13.00
N ASN A 161 -0.10 8.15 -12.22
CA ASN A 161 -1.45 7.54 -12.07
C ASN A 161 -1.43 6.08 -11.62
N VAL A 162 -0.43 5.69 -10.83
CA VAL A 162 -0.39 4.33 -10.30
C VAL A 162 -1.21 4.28 -8.98
N PRO A 163 -2.08 3.24 -8.80
CA PRO A 163 -2.92 3.08 -7.59
C PRO A 163 -2.08 3.12 -6.32
N THR A 164 -2.63 3.78 -5.32
CA THR A 164 -1.86 3.99 -4.09
C THR A 164 -2.61 3.60 -2.84
N ILE A 165 -1.86 3.13 -1.83
CA ILE A 165 -2.47 2.72 -0.55
C ILE A 165 -1.60 3.27 0.57
N LEU A 166 -2.21 3.94 1.54
CA LEU A 166 -1.43 4.38 2.71
C LEU A 166 -1.76 3.39 3.80
N ASP A 167 -0.76 2.71 4.32
CA ASP A 167 -0.96 1.73 5.39
C ASP A 167 -0.81 2.52 6.69
N ILE A 168 -1.94 2.97 7.18
CA ILE A 168 -2.04 3.80 8.38
C ILE A 168 -2.82 3.13 9.52
N LYS A 169 -3.63 2.11 9.20
N LYS A 169 -3.57 2.06 9.21
CA LYS A 169 -4.34 1.32 10.21
CA LYS A 169 -4.39 1.33 10.18
C LYS A 169 -5.21 2.24 11.10
C LYS A 169 -5.11 2.32 11.10
N MET A 170 -5.82 3.24 10.47
CA MET A 170 -6.43 4.33 11.19
C MET A 170 -7.63 3.83 12.03
N ASN A 171 -7.76 4.40 13.22
CA ASN A 171 -8.89 4.06 14.05
C ASN A 171 -9.15 5.13 15.10
N ASP A 172 -10.37 5.69 15.09
CA ASP A 172 -10.75 6.68 16.12
C ASP A 172 -12.24 6.96 16.05
N ILE A 173 -12.69 7.93 16.85
CA ILE A 173 -14.09 8.32 16.79
C ILE A 173 -14.33 9.16 15.55
N GLY A 174 -15.58 9.29 15.13
CA GLY A 174 -15.89 10.01 13.88
C GLY A 174 -15.27 11.38 13.73
N ASN A 175 -15.39 12.23 14.76
CA ASN A 175 -14.86 13.58 14.65
C ASN A 175 -13.37 13.57 14.32
N THR A 176 -12.63 12.68 14.98
CA THR A 176 -11.20 12.62 14.75
C THR A 176 -10.90 12.02 13.36
N VAL A 177 -11.62 10.96 13.02
CA VAL A 177 -11.49 10.28 11.70
C VAL A 177 -11.58 11.30 10.54
N LYS A 178 -12.45 12.31 10.66
CA LYS A 178 -12.53 13.35 9.61
C LYS A 178 -11.16 13.99 9.29
N HIS A 179 -10.33 14.18 10.33
CA HIS A 179 -9.01 14.74 10.14
C HIS A 179 -8.05 13.75 9.47
N TYR A 180 -8.12 12.46 9.84
CA TYR A 180 -7.36 11.47 9.10
C TYR A 180 -7.79 11.48 7.62
N ARG A 181 -9.10 11.52 7.36
CA ARG A 181 -9.61 11.60 5.99
C ARG A 181 -8.98 12.77 5.18
N LYS A 182 -8.94 13.94 5.78
CA LYS A 182 -8.34 15.12 5.12
C LYS A 182 -6.86 14.87 4.73
N PHE A 183 -6.05 14.41 5.68
CA PHE A 183 -4.68 14.06 5.38
C PHE A 183 -4.55 12.99 4.27
N ILE A 184 -5.27 11.88 4.44
CA ILE A 184 -5.11 10.74 3.53
C ILE A 184 -5.60 11.01 2.14
N PHE A 185 -6.79 11.60 2.07
CA PHE A 185 -7.48 11.73 0.78
C PHE A 185 -7.40 13.12 0.14
N ASP A 186 -7.38 14.19 0.94
CA ASP A 186 -7.26 15.55 0.36
C ASP A 186 -5.80 15.90 0.18
N TYR A 187 -4.97 15.65 1.20
CA TYR A 187 -3.59 16.12 1.16
C TYR A 187 -2.73 15.19 0.31
N LEU A 188 -2.71 13.92 0.70
CA LEU A 188 -1.94 12.93 -0.06
C LEU A 188 -2.62 12.48 -1.33
N ARG A 189 -3.94 12.66 -1.45
CA ARG A 189 -4.74 12.22 -2.61
C ARG A 189 -4.54 10.71 -2.82
N SER A 190 -4.41 9.99 -1.71
CA SER A 190 -4.32 8.53 -1.80
C SER A 190 -5.59 7.90 -2.41
N ASP A 191 -5.41 6.77 -3.07
CA ASP A 191 -6.56 6.02 -3.55
C ASP A 191 -7.24 5.23 -2.45
N SER A 192 -6.47 4.81 -1.42
CA SER A 192 -7.07 3.98 -0.40
C SER A 192 -6.16 4.05 0.83
N CYS A 193 -6.67 3.53 1.91
CA CYS A 193 -5.86 3.40 3.11
C CYS A 193 -6.26 2.13 3.85
N THR A 194 -5.56 1.84 4.96
CA THR A 194 -6.01 0.71 5.81
C THR A 194 -6.63 1.25 7.08
N ALA A 195 -7.50 0.46 7.70
CA ALA A 195 -8.24 0.90 8.88
C ALA A 195 -8.42 -0.25 9.81
N ASN A 196 -8.50 0.05 11.11
CA ASN A 196 -8.66 -0.99 12.13
C ASN A 196 -10.01 -0.68 12.78
N ILE A 197 -10.92 -1.65 12.76
CA ILE A 197 -12.29 -1.37 13.16
C ILE A 197 -12.63 -1.94 14.54
N TYR A 198 -11.62 -2.12 15.40
CA TYR A 198 -11.89 -2.61 16.76
C TYR A 198 -12.97 -1.74 17.44
N MET A 199 -12.97 -0.45 17.14
CA MET A 199 -13.94 0.48 17.73
C MET A 199 -15.40 0.27 17.27
N GLY A 200 -15.58 -0.30 16.08
CA GLY A 200 -16.91 -0.44 15.47
C GLY A 200 -16.85 -0.05 14.01
N THR A 201 -17.95 -0.29 13.30
CA THR A 201 -18.00 -0.01 11.86
C THR A 201 -18.56 1.39 11.50
N GLN A 202 -19.16 2.10 12.45
CA GLN A 202 -19.65 3.43 12.19
C GLN A 202 -18.52 4.34 11.74
N MET A 203 -17.29 4.07 12.20
CA MET A 203 -16.13 4.89 11.80
C MET A 203 -15.98 4.92 10.27
N LEU A 204 -16.41 3.84 9.61
CA LEU A 204 -16.31 3.78 8.14
C LEU A 204 -17.03 4.93 7.43
N ARG A 205 -18.09 5.42 8.07
CA ARG A 205 -18.86 6.54 7.49
C ARG A 205 -17.99 7.81 7.37
N ASP A 206 -17.04 8.01 8.28
CA ASP A 206 -16.26 9.21 8.23
C ASP A 206 -14.93 9.09 7.49
N ILE A 207 -14.53 7.86 7.15
CA ILE A 207 -13.34 7.72 6.32
C ILE A 207 -13.67 7.48 4.85
N CYS A 208 -14.79 6.79 4.61
CA CYS A 208 -15.20 6.40 3.25
C CYS A 208 -16.07 7.46 2.53
N LEU A 209 -16.54 8.45 3.27
CA LEU A 209 -17.38 9.49 2.66
C LEU A 209 -16.91 10.83 3.17
N ASP A 210 -16.95 11.86 2.32
CA ASP A 210 -16.71 13.22 2.85
C ASP A 210 -17.94 13.70 3.65
N GLU A 211 -17.85 14.92 4.18
CA GLU A 211 -18.89 15.50 5.02
C GLU A 211 -20.23 15.56 4.27
N GLU A 212 -20.18 16.14 3.07
CA GLU A 212 -21.34 16.35 2.22
C GLU A 212 -21.97 15.07 1.64
N CYS A 213 -21.33 13.92 1.85
CA CYS A 213 -21.79 12.63 1.27
C CYS A 213 -21.68 12.62 -0.27
N LYS A 214 -20.74 13.39 -0.81
CA LYS A 214 -20.58 13.53 -2.28
C LYS A 214 -19.33 12.91 -2.88
N ARG A 215 -18.25 12.79 -2.10
CA ARG A 215 -17.07 12.01 -2.50
C ARG A 215 -16.97 10.73 -1.67
N TYR A 216 -16.51 9.68 -2.33
CA TYR A 216 -16.45 8.32 -1.78
C TYR A 216 -14.99 7.86 -1.86
N TYR A 217 -14.57 7.13 -0.83
CA TYR A 217 -13.15 6.69 -0.74
C TYR A 217 -13.12 5.23 -0.33
N SER A 218 -12.07 4.51 -0.75
CA SER A 218 -11.96 3.09 -0.41
C SER A 218 -11.01 2.89 0.75
N THR A 219 -11.27 1.84 1.53
CA THR A 219 -10.32 1.44 2.60
C THR A 219 -10.26 -0.06 2.70
N PHE A 220 -9.21 -0.57 3.35
CA PHE A 220 -9.11 -2.00 3.61
C PHE A 220 -9.07 -2.13 5.12
N VAL A 221 -9.98 -2.91 5.66
CA VAL A 221 -10.09 -3.13 7.13
C VAL A 221 -9.27 -4.33 7.56
N LEU A 222 -8.55 -4.22 8.68
CA LEU A 222 -7.77 -5.35 9.17
C LEU A 222 -8.72 -6.46 9.59
N VAL A 223 -8.49 -7.64 9.03
CA VAL A 223 -9.25 -8.85 9.40
C VAL A 223 -8.33 -9.91 10.02
N LYS A 224 -7.28 -10.31 9.30
CA LYS A 224 -6.32 -11.31 9.79
C LYS A 224 -4.93 -10.79 9.47
N THR A 225 -4.09 -10.74 10.49
CA THR A 225 -2.75 -10.16 10.35
C THR A 225 -1.63 -11.23 10.41
N THR A 226 -0.44 -10.83 9.96
CA THR A 226 0.64 -11.78 9.66
C THR A 226 1.49 -12.11 10.89
N ASN A 227 1.32 -11.37 11.98
CA ASN A 227 2.17 -11.60 13.17
C ASN A 227 1.87 -12.97 13.83
N ALA A 228 2.86 -13.52 14.51
CA ALA A 228 2.77 -14.88 15.03
C ALA A 228 1.61 -15.08 16.00
N ASP A 229 1.29 -14.08 16.83
CA ASP A 229 0.25 -14.25 17.85
C ASP A 229 -1.09 -13.69 17.39
N SER A 230 -1.28 -13.61 16.07
CA SER A 230 -2.51 -12.93 15.56
C SER A 230 -3.80 -13.67 15.92
N HIS A 231 -3.67 -14.95 16.29
CA HIS A 231 -4.88 -15.74 16.60
C HIS A 231 -5.48 -15.35 17.95
N ILE A 232 -4.72 -14.70 18.83
CA ILE A 232 -5.16 -14.51 20.21
C ILE A 232 -6.53 -13.79 20.36
N PHE A 233 -6.77 -12.83 19.47
CA PHE A 233 -8.06 -12.18 19.46
C PHE A 233 -8.80 -12.51 18.19
N GLN A 234 -8.10 -12.56 17.03
CA GLN A 234 -8.78 -12.73 15.73
C GLN A 234 -9.47 -14.06 15.55
N ASN A 235 -8.92 -15.07 16.20
CA ASN A 235 -9.49 -16.42 16.09
C ASN A 235 -10.09 -16.94 17.38
N ARG A 236 -9.48 -16.65 18.51
CA ARG A 236 -9.97 -17.19 19.81
C ARG A 236 -11.28 -16.56 20.31
N LEU A 237 -11.49 -15.27 20.01
CA LEU A 237 -12.77 -14.64 20.30
C LEU A 237 -13.79 -15.04 19.24
N SER A 238 -15.06 -15.12 19.64
CA SER A 238 -16.09 -15.56 18.72
C SER A 238 -17.47 -15.01 19.12
N LEU A 239 -18.40 -15.15 18.18
CA LEU A 239 -19.82 -14.88 18.47
C LEU A 239 -20.64 -15.92 17.71
N ASP A 240 -21.43 -16.68 18.46
CA ASP A 240 -22.45 -17.58 17.85
C ASP A 240 -21.80 -18.59 16.90
N GLY A 241 -20.66 -19.12 17.33
CA GLY A 241 -19.90 -20.09 16.53
C GLY A 241 -18.93 -19.53 15.49
N LYS A 242 -18.89 -18.19 15.34
CA LYS A 242 -18.11 -17.55 14.28
C LYS A 242 -16.88 -16.89 14.92
N GLU A 243 -15.71 -17.16 14.36
CA GLU A 243 -14.50 -16.53 14.86
C GLU A 243 -14.56 -15.03 14.67
N ALA A 244 -13.86 -14.31 15.54
CA ALA A 244 -13.84 -12.84 15.45
C ALA A 244 -13.57 -12.30 14.04
N TYR A 245 -12.61 -12.88 13.31
CA TYR A 245 -12.22 -12.25 12.05
C TYR A 245 -13.39 -12.31 11.06
N VAL A 246 -14.23 -13.34 11.21
CA VAL A 246 -15.41 -13.50 10.37
C VAL A 246 -16.50 -12.47 10.72
N VAL A 247 -16.75 -12.30 12.01
CA VAL A 247 -17.71 -11.33 12.55
C VAL A 247 -17.27 -9.93 12.09
N ILE A 248 -15.99 -9.62 12.28
CA ILE A 248 -15.43 -8.36 11.75
C ILE A 248 -15.69 -8.21 10.22
N ALA A 249 -15.38 -9.23 9.43
CA ALA A 249 -15.62 -9.12 7.97
C ALA A 249 -17.10 -8.91 7.62
N GLU A 250 -17.96 -9.68 8.26
CA GLU A 250 -19.40 -9.61 8.02
C GLU A 250 -19.95 -8.23 8.37
N GLU A 251 -19.57 -7.71 9.53
CA GLU A 251 -20.05 -6.40 9.95
C GLU A 251 -19.50 -5.34 9.04
N VAL A 252 -18.26 -5.50 8.60
CA VAL A 252 -17.69 -4.52 7.68
C VAL A 252 -18.53 -4.40 6.39
N GLN A 253 -18.87 -5.54 5.79
CA GLN A 253 -19.59 -5.51 4.52
C GLN A 253 -21.03 -5.05 4.71
N LYS A 254 -21.65 -5.39 5.84
CA LYS A 254 -22.96 -4.79 6.21
C LYS A 254 -22.89 -3.24 6.14
N MET A 255 -21.86 -2.66 6.77
CA MET A 255 -21.65 -1.21 6.71
C MET A 255 -21.34 -0.71 5.31
N ALA A 256 -20.46 -1.39 4.57
CA ALA A 256 -20.12 -1.00 3.19
C ALA A 256 -21.39 -0.94 2.34
N LYS A 257 -22.31 -1.85 2.60
CA LYS A 257 -23.54 -1.81 1.79
C LYS A 257 -24.42 -0.64 2.18
N GLN A 258 -24.46 -0.33 3.47
CA GLN A 258 -25.27 0.79 3.97
C GLN A 258 -24.70 2.14 3.52
N LEU A 259 -23.40 2.18 3.25
CA LEU A 259 -22.78 3.40 2.76
C LEU A 259 -22.85 3.60 1.25
N HIS A 260 -23.38 2.60 0.57
CA HIS A 260 -23.47 2.61 -0.91
C HIS A 260 -22.14 2.87 -1.64
N LEU A 261 -21.03 2.36 -1.10
CA LEU A 261 -19.74 2.59 -1.73
C LEU A 261 -19.66 2.03 -3.14
N GLU A 262 -20.15 0.81 -3.30
CA GLU A 262 -19.93 0.10 -4.56
C GLU A 262 -20.65 0.71 -5.75
N GLU A 263 -21.82 1.32 -5.51
CA GLU A 263 -22.55 2.05 -6.55
C GLU A 263 -21.85 3.37 -6.89
N ASN A 264 -20.96 3.80 -6.00
CA ASN A 264 -20.19 5.01 -6.22
C ASN A 264 -18.73 4.73 -6.60
N GLY A 265 -18.44 3.47 -6.99
CA GLY A 265 -17.17 3.08 -7.57
C GLY A 265 -16.08 2.73 -6.56
N GLU A 266 -16.48 2.48 -5.33
CA GLU A 266 -15.52 2.29 -4.23
C GLU A 266 -15.87 1.03 -3.44
N PHE A 267 -15.06 0.69 -2.44
CA PHE A 267 -15.27 -0.57 -1.75
C PHE A 267 -14.62 -0.47 -0.37
N VAL A 268 -15.09 -1.32 0.51
CA VAL A 268 -14.31 -1.61 1.73
C VAL A 268 -13.72 -3.00 1.59
N GLY A 269 -12.41 -3.06 1.50
CA GLY A 269 -11.71 -4.34 1.33
C GLY A 269 -11.25 -4.91 2.67
N PHE A 270 -10.48 -5.98 2.60
CA PHE A 270 -9.98 -6.62 3.82
C PHE A 270 -8.48 -6.82 3.74
N VAL A 271 -7.78 -6.57 4.86
CA VAL A 271 -6.43 -7.02 5.01
C VAL A 271 -6.43 -8.43 5.56
N VAL A 272 -5.84 -9.38 4.81
CA VAL A 272 -5.78 -10.77 5.23
C VAL A 272 -4.36 -11.22 4.92
N GLY A 273 -3.62 -11.57 5.96
CA GLY A 273 -2.20 -11.93 5.86
C GLY A 273 -1.94 -13.07 4.87
N ALA A 274 -0.82 -12.95 4.17
CA ALA A 274 -0.39 -13.94 3.18
C ALA A 274 -0.08 -15.29 3.80
N ASN A 275 0.10 -15.33 5.11
CA ASN A 275 0.35 -16.60 5.83
C ASN A 275 -0.89 -17.17 6.52
N CYS A 276 -2.06 -16.58 6.19
CA CYS A 276 -3.36 -16.88 6.84
C CYS A 276 -4.20 -17.71 5.87
N TYR A 277 -3.73 -18.92 5.59
CA TYR A 277 -4.27 -19.65 4.42
C TYR A 277 -5.71 -20.04 4.64
N ASP A 278 -6.04 -20.57 5.82
CA ASP A 278 -7.41 -20.97 6.13
C ASP A 278 -8.34 -19.74 6.06
N GLU A 279 -7.87 -18.61 6.60
CA GLU A 279 -8.73 -17.46 6.68
C GLU A 279 -9.00 -16.83 5.32
N ILE A 280 -7.98 -16.79 4.46
CA ILE A 280 -8.15 -16.16 3.15
C ILE A 280 -9.12 -16.96 2.29
N LYS A 281 -9.03 -18.28 2.40
CA LYS A 281 -10.01 -19.16 1.79
C LYS A 281 -11.45 -18.87 2.30
N LYS A 282 -11.61 -18.77 3.61
CA LYS A 282 -12.91 -18.51 4.22
C LYS A 282 -13.44 -17.17 3.79
N ILE A 283 -12.57 -16.16 3.75
CA ILE A 283 -13.02 -14.81 3.38
C ILE A 283 -13.46 -14.76 1.92
N ARG A 284 -12.72 -15.42 1.04
CA ARG A 284 -13.07 -15.43 -0.41
C ARG A 284 -14.39 -16.18 -0.63
N GLU A 285 -14.61 -17.20 0.17
CA GLU A 285 -15.82 -18.01 0.10
C GLU A 285 -17.02 -17.19 0.57
N LEU A 286 -16.88 -16.50 1.70
CA LEU A 286 -17.98 -15.71 2.25
C LEU A 286 -18.28 -14.45 1.43
N PHE A 287 -17.25 -13.86 0.83
CA PHE A 287 -17.38 -12.61 0.06
C PHE A 287 -16.66 -12.77 -1.27
N PRO A 288 -17.31 -13.50 -2.20
CA PRO A 288 -16.67 -13.77 -3.50
C PRO A 288 -16.15 -12.54 -4.25
N ASP A 289 -16.79 -11.38 -4.05
CA ASP A 289 -16.46 -10.17 -4.77
C ASP A 289 -15.58 -9.17 -4.00
N CYS A 290 -15.15 -9.56 -2.81
CA CYS A 290 -14.35 -8.66 -1.96
C CYS A 290 -12.94 -8.39 -2.48
N TYR A 291 -12.35 -7.27 -2.05
CA TYR A 291 -11.00 -6.90 -2.41
C TYR A 291 -10.16 -7.23 -1.19
N ILE A 292 -9.11 -8.01 -1.43
CA ILE A 292 -8.20 -8.39 -0.37
C ILE A 292 -6.80 -7.77 -0.59
N LEU A 293 -6.22 -7.27 0.51
CA LEU A 293 -4.84 -6.82 0.51
C LEU A 293 -4.09 -7.80 1.40
N ALA A 294 -3.05 -8.41 0.86
CA ALA A 294 -2.41 -9.56 1.54
C ALA A 294 -0.92 -9.29 1.66
N PRO A 295 -0.52 -8.73 2.81
CA PRO A 295 0.92 -8.59 3.05
C PRO A 295 1.50 -9.86 3.63
N GLY A 296 2.83 -9.98 3.62
CA GLY A 296 3.46 -11.15 4.26
C GLY A 296 4.38 -12.04 3.41
N VAL A 297 4.30 -11.90 2.09
CA VAL A 297 5.21 -12.63 1.19
C VAL A 297 6.59 -11.99 1.23
N GLY A 298 7.62 -12.82 1.32
CA GLY A 298 8.98 -12.31 1.23
C GLY A 298 9.57 -12.33 2.60
N ALA A 299 9.74 -11.14 3.20
CA ALA A 299 10.47 -11.07 4.50
C ALA A 299 9.78 -11.92 5.56
N GLN A 300 8.44 -11.97 5.52
CA GLN A 300 7.67 -12.68 6.51
C GLN A 300 7.32 -14.10 6.13
N LYS A 301 7.84 -14.53 4.97
CA LYS A 301 7.82 -15.95 4.59
C LYS A 301 6.44 -16.52 4.21
N GLY A 302 5.48 -15.65 3.87
CA GLY A 302 4.18 -16.11 3.42
C GLY A 302 4.32 -16.86 2.11
N ASP A 303 3.54 -17.93 2.00
CA ASP A 303 3.55 -18.81 0.83
C ASP A 303 2.64 -18.23 -0.26
N LEU A 304 3.24 -17.50 -1.20
CA LEU A 304 2.49 -16.80 -2.25
C LEU A 304 1.54 -17.73 -2.98
N ARG A 305 2.07 -18.86 -3.46
CA ARG A 305 1.24 -19.74 -4.24
C ARG A 305 0.06 -20.26 -3.43
N LYS A 306 0.28 -20.68 -2.18
CA LYS A 306 -0.77 -21.22 -1.33
C LYS A 306 -1.81 -20.13 -1.06
N MET A 307 -1.36 -18.92 -0.72
CA MET A 307 -2.31 -17.82 -0.47
C MET A 307 -3.13 -17.35 -1.67
N LEU A 308 -2.50 -17.28 -2.84
CA LEU A 308 -3.13 -16.82 -4.07
C LEU A 308 -4.16 -17.86 -4.54
N CYS A 309 -3.78 -19.13 -4.48
CA CYS A 309 -4.74 -20.21 -4.73
C CYS A 309 -5.97 -20.14 -3.82
N ASN A 310 -5.74 -20.02 -2.50
CA ASN A 310 -6.84 -19.98 -1.53
C ASN A 310 -7.67 -18.72 -1.67
N GLY A 311 -7.03 -17.61 -2.00
CA GLY A 311 -7.71 -16.31 -2.04
C GLY A 311 -8.19 -15.94 -3.42
N TYR A 312 -7.98 -16.86 -4.38
CA TYR A 312 -8.14 -16.52 -5.81
C TYR A 312 -9.46 -15.89 -6.22
N SER A 313 -9.38 -14.82 -7.02
CA SER A 313 -10.53 -14.33 -7.80
C SER A 313 -10.17 -14.21 -9.27
N LYS A 314 -11.09 -14.58 -10.16
CA LYS A 314 -10.83 -14.38 -11.59
C LYS A 314 -10.48 -12.91 -11.86
N ASN A 315 -11.11 -11.99 -11.13
CA ASN A 315 -10.81 -10.56 -11.16
C ASN A 315 -9.63 -10.33 -10.23
N TYR A 316 -8.42 -10.46 -10.76
CA TYR A 316 -7.31 -10.72 -9.86
C TYR A 316 -6.71 -9.47 -9.21
N GLU A 317 -7.22 -8.29 -9.58
CA GLU A 317 -6.89 -7.08 -8.78
C GLU A 317 -7.48 -7.21 -7.35
N LYS A 318 -8.33 -8.22 -7.16
CA LYS A 318 -9.04 -8.45 -5.90
C LYS A 318 -8.20 -9.24 -4.88
N VAL A 319 -6.96 -9.59 -5.26
CA VAL A 319 -5.95 -10.07 -4.28
C VAL A 319 -4.67 -9.27 -4.53
N LEU A 320 -4.48 -8.18 -3.78
CA LEU A 320 -3.26 -7.43 -3.93
C LEU A 320 -2.20 -8.10 -3.08
N ILE A 321 -1.15 -8.63 -3.72
CA ILE A 321 -0.06 -9.30 -3.01
C ILE A 321 1.06 -8.30 -2.73
N ASN A 322 1.11 -7.81 -1.48
CA ASN A 322 2.07 -6.81 -1.14
C ASN A 322 3.44 -7.43 -0.87
N VAL A 323 4.48 -6.90 -1.51
CA VAL A 323 5.84 -7.33 -1.22
C VAL A 323 6.70 -6.10 -1.02
N GLY A 324 7.24 -5.95 0.21
CA GLY A 324 8.04 -4.77 0.58
C GLY A 324 9.52 -5.12 0.57
N ARG A 325 10.02 -5.54 1.73
CA ARG A 325 11.46 -5.74 1.94
C ARG A 325 12.11 -6.72 0.96
N ALA A 326 11.37 -7.75 0.56
CA ALA A 326 11.94 -8.69 -0.42
C ALA A 326 12.25 -8.02 -1.74
N ILE A 327 11.64 -6.86 -2.00
CA ILE A 327 12.03 -6.01 -3.13
C ILE A 327 12.98 -4.86 -2.76
N THR A 328 12.61 -4.08 -1.75
CA THR A 328 13.36 -2.85 -1.42
C THR A 328 14.75 -3.13 -0.82
N LYS A 329 14.93 -4.30 -0.22
CA LYS A 329 16.24 -4.68 0.38
C LYS A 329 16.97 -5.69 -0.50
N SER A 330 16.47 -5.93 -1.70
CA SER A 330 17.12 -6.93 -2.58
C SER A 330 18.30 -6.26 -3.27
N GLY A 331 19.23 -7.07 -3.78
CA GLY A 331 20.35 -6.48 -4.54
C GLY A 331 19.86 -5.69 -5.74
N SER A 332 18.70 -6.08 -6.27
CA SER A 332 18.16 -5.50 -7.48
C SER A 332 16.66 -5.46 -7.39
N PRO A 333 16.08 -4.31 -6.96
CA PRO A 333 14.62 -4.19 -6.85
C PRO A 333 13.91 -4.54 -8.15
N GLN A 334 14.48 -4.09 -9.28
CA GLN A 334 13.82 -4.38 -10.56
C GLN A 334 13.77 -5.89 -10.79
N GLN A 335 14.90 -6.60 -10.61
CA GLN A 335 14.89 -8.06 -10.79
C GLN A 335 13.96 -8.77 -9.82
N ALA A 336 13.98 -8.35 -8.55
CA ALA A 336 13.09 -8.93 -7.56
C ALA A 336 11.62 -8.76 -7.92
N ALA A 337 11.25 -7.57 -8.39
CA ALA A 337 9.89 -7.30 -8.75
C ALA A 337 9.54 -8.18 -9.97
N ARG A 338 10.47 -8.29 -10.93
CA ARG A 338 10.20 -9.05 -12.16
C ARG A 338 9.91 -10.52 -11.82
N GLU A 339 10.68 -11.04 -10.87
CA GLU A 339 10.56 -12.39 -10.35
C GLU A 339 9.21 -12.68 -9.69
N TYR A 340 8.76 -11.77 -8.83
CA TYR A 340 7.45 -11.93 -8.26
C TYR A 340 6.40 -11.82 -9.34
N HIS A 341 6.59 -10.89 -10.27
CA HIS A 341 5.65 -10.68 -11.36
C HIS A 341 5.50 -12.01 -12.12
N GLN A 342 6.63 -12.66 -12.35
CA GLN A 342 6.66 -13.92 -13.09
C GLN A 342 5.96 -15.02 -12.31
N GLN A 343 6.29 -15.16 -11.01
CA GLN A 343 5.66 -16.17 -10.17
C GLN A 343 4.16 -16.01 -10.16
N ILE A 344 3.71 -14.78 -10.00
CA ILE A 344 2.26 -14.55 -9.89
C ILE A 344 1.59 -14.93 -11.22
N LYS A 345 2.19 -14.53 -12.34
CA LYS A 345 1.72 -14.91 -13.69
C LYS A 345 1.57 -16.43 -13.80
N GLU A 346 2.62 -17.17 -13.41
CA GLU A 346 2.59 -18.65 -13.45
C GLU A 346 1.51 -19.28 -12.56
N VAL A 347 1.32 -18.71 -11.36
CA VAL A 347 0.28 -19.19 -10.47
C VAL A 347 -1.13 -18.84 -10.99
N LEU A 348 -1.29 -17.64 -11.55
CA LEU A 348 -2.58 -17.25 -12.10
C LEU A 348 -2.93 -18.17 -13.27
N ALA A 349 -1.95 -18.46 -14.11
CA ALA A 349 -2.12 -19.42 -15.22
C ALA A 349 -2.61 -20.78 -14.73
N GLU A 350 -2.04 -21.32 -13.64
CA GLU A 350 -2.50 -22.59 -13.03
C GLU A 350 -3.97 -22.51 -12.66
N LEU A 351 -4.37 -21.33 -12.19
CA LEU A 351 -5.73 -21.10 -11.73
C LEU A 351 -6.63 -20.68 -12.88
#